data_7RK3
#
_entry.id   7RK3
#
_cell.length_a   47.984
_cell.length_b   76.046
_cell.length_c   106.342
_cell.angle_alpha   90.000
_cell.angle_beta   90.000
_cell.angle_gamma   90.000
#
_symmetry.space_group_name_H-M   'P 21 21 21'
#
loop_
_entity.id
_entity.type
_entity.pdbx_description
1 polymer 'Glycylpeptide N-tetradecanoyltransferase 1'
2 polymer 'ADP-ribosylation factor 6'
3 non-polymer "4'-diphospho pantetheine"
4 non-polymer 'MYRISTIC ACID'
5 non-polymer 'HEXANOIC ACID'
6 water water
#
loop_
_entity_poly.entity_id
_entity_poly.type
_entity_poly.pdbx_seq_one_letter_code
_entity_poly.pdbx_strand_id
1 'polypeptide(L)'
;GPHMEEASKRSYQFWDTQPVPKLGEVVNTHGPVEPDKDNIRQEPYTLPQGFTWDALDLGDRGVLKELYTLLNENYVEDDD
NMFRFDYSPEFLLWALRPPGWLPQWHCGVRVVSSRKLVGFISAIPANIHIYDTEKKMVEINFLCVHKKLRSKRVAPVLIR
EITRRVHLEGIFQAVYTAGVVLPKPVGTCRYWHRSLNPRKLIEVKFSHLSRNMTMQRTMKLYRLPETPKTAGLRPMETKD
IPVVHQLLTRYLKQFHLTPVMSQEEVEHWFYPQENIIDTFVVENANGEVTDFLSFYTLPSTIMNHPTHKSLKAAYSFYNV
HTQTPLLDLMSDALVLAKMKGFDVFNALDLMENKTFLEKLKFGIGDGNLQYYLYNWKCPSMGAEKVGLVLQ
;
A
2 'polypeptide(L)' GKVLSKIF B
#
# COMPACT_ATOMS: atom_id res chain seq x y z
N ILE A 40 29.06 1.99 -14.00
CA ILE A 40 28.28 2.40 -12.82
C ILE A 40 29.19 3.00 -11.76
N ARG A 41 28.79 4.16 -11.24
CA ARG A 41 29.60 4.86 -10.25
C ARG A 41 29.71 4.02 -8.97
N GLN A 42 30.93 3.94 -8.43
CA GLN A 42 31.18 3.11 -7.25
C GLN A 42 31.13 3.88 -5.94
N GLU A 43 31.25 5.21 -5.99
CA GLU A 43 31.11 6.00 -4.78
C GLU A 43 29.72 6.61 -4.72
N PRO A 44 29.18 6.80 -3.53
CA PRO A 44 27.89 7.48 -3.39
C PRO A 44 27.92 8.87 -4.03
N TYR A 45 26.76 9.33 -4.49
CA TYR A 45 26.66 10.69 -5.01
C TYR A 45 26.84 11.70 -3.87
N THR A 46 27.42 12.84 -4.22
CA THR A 46 27.72 13.88 -3.24
C THR A 46 26.43 14.51 -2.73
N LEU A 47 26.29 14.63 -1.39
CA LEU A 47 25.20 15.31 -0.73
C LEU A 47 25.58 16.76 -0.44
N PRO A 48 24.60 17.63 -0.19
CA PRO A 48 24.93 18.97 0.27
C PRO A 48 25.78 18.90 1.54
N GLN A 49 26.66 19.87 1.70
CA GLN A 49 27.52 19.92 2.86
C GLN A 49 26.69 19.83 4.14
N GLY A 50 27.19 19.10 5.12
CA GLY A 50 26.49 18.90 6.37
C GLY A 50 25.55 17.72 6.40
N PHE A 51 25.45 16.95 5.32
CA PHE A 51 24.57 15.79 5.26
C PHE A 51 25.36 14.56 4.81
N THR A 52 24.93 13.38 5.25
CA THR A 52 25.69 12.16 5.06
C THR A 52 24.77 10.97 4.85
N TRP A 53 25.25 9.98 4.10
CA TRP A 53 24.50 8.76 3.85
C TRP A 53 24.55 7.86 5.06
N ASP A 54 23.46 7.15 5.32
CA ASP A 54 23.47 6.12 6.38
C ASP A 54 22.44 5.07 6.03
N ALA A 55 22.90 3.83 5.83
CA ALA A 55 22.00 2.72 5.60
C ALA A 55 21.32 2.33 6.91
N LEU A 56 19.99 2.24 6.90
CA LEU A 56 19.26 2.04 8.16
C LEU A 56 19.12 0.55 8.45
N ASP A 57 19.64 0.12 9.59
CA ASP A 57 19.44 -1.24 10.08
C ASP A 57 18.08 -1.31 10.78
N LEU A 58 17.05 -1.73 10.05
CA LEU A 58 15.69 -1.81 10.59
C LEU A 58 15.51 -2.92 11.62
N GLY A 59 16.44 -3.89 11.68
CA GLY A 59 16.48 -4.84 12.76
C GLY A 59 16.94 -4.24 14.08
N ASP A 60 17.38 -2.99 14.06
CA ASP A 60 17.69 -2.23 15.26
C ASP A 60 16.46 -1.42 15.65
N ARG A 61 15.90 -1.71 16.83
CA ARG A 61 14.64 -1.08 17.21
C ARG A 61 14.75 0.43 17.25
N GLY A 62 15.86 0.96 17.79
CA GLY A 62 16.04 2.40 17.82
C GLY A 62 16.03 3.03 16.43
N VAL A 63 16.74 2.41 15.49
CA VAL A 63 16.81 2.96 14.13
C VAL A 63 15.46 2.84 13.43
N LEU A 64 14.75 1.73 13.64
CA LEU A 64 13.42 1.60 13.07
C LEU A 64 12.46 2.66 13.62
N LYS A 65 12.56 2.96 14.91
CA LYS A 65 11.77 4.05 15.47
C LYS A 65 12.20 5.40 14.90
N GLU A 66 13.49 5.57 14.56
CA GLU A 66 13.92 6.80 13.91
C GLU A 66 13.24 6.97 12.56
N LEU A 67 13.10 5.88 11.81
CA LEU A 67 12.42 5.95 10.52
C LEU A 67 10.93 6.17 10.71
N TYR A 68 10.34 5.48 11.68
CA TYR A 68 8.94 5.72 12.01
C TYR A 68 8.70 7.19 12.30
N THR A 69 9.57 7.80 13.08
CA THR A 69 9.40 9.21 13.45
C THR A 69 9.54 10.12 12.24
N LEU A 70 10.53 9.88 11.40
CA LEU A 70 10.65 10.67 10.17
C LEU A 70 9.36 10.61 9.36
N LEU A 71 8.83 9.41 9.14
CA LEU A 71 7.64 9.28 8.30
C LEU A 71 6.39 9.81 9.02
N ASN A 72 6.29 9.53 10.32
CA ASN A 72 5.13 10.00 11.09
C ASN A 72 5.02 11.51 11.07
N GLU A 73 6.15 12.23 10.99
CA GLU A 73 6.11 13.69 11.02
C GLU A 73 6.23 14.33 9.64
N ASN A 74 6.73 13.61 8.62
CA ASN A 74 7.02 14.24 7.33
C ASN A 74 6.52 13.48 6.12
N TYR A 75 5.93 12.30 6.26
CA TYR A 75 5.49 11.59 5.07
C TYR A 75 4.20 12.20 4.49
N VAL A 76 3.49 11.43 3.67
CA VAL A 76 2.48 11.99 2.77
C VAL A 76 1.28 12.50 3.56
N GLU A 77 0.81 13.70 3.18
CA GLU A 77 -0.42 14.28 3.72
C GLU A 77 -1.45 14.41 2.62
N ASP A 78 -2.69 14.58 3.03
CA ASP A 78 -3.73 14.89 2.07
C ASP A 78 -3.59 16.33 1.58
N ASP A 79 -4.33 16.66 0.53
CA ASP A 79 -4.25 17.98 -0.10
C ASP A 79 -4.42 19.13 0.90
N ASP A 80 -5.20 18.93 1.95
CA ASP A 80 -5.52 20.02 2.87
C ASP A 80 -4.75 19.95 4.18
N ASN A 81 -3.76 19.05 4.28
CA ASN A 81 -2.93 18.93 5.48
C ASN A 81 -3.76 18.69 6.74
N MET A 82 -4.75 17.79 6.63
CA MET A 82 -5.56 17.38 7.77
C MET A 82 -5.15 16.01 8.29
N PHE A 83 -4.62 15.16 7.41
CA PHE A 83 -4.22 13.81 7.75
C PHE A 83 -2.81 13.57 7.21
N ARG A 84 -2.06 12.74 7.92
CA ARG A 84 -0.73 12.29 7.53
C ARG A 84 -0.61 10.81 7.84
N PHE A 85 -0.01 10.04 6.92
CA PHE A 85 0.15 8.61 7.13
C PHE A 85 0.88 8.35 8.43
N ASP A 86 0.55 7.23 9.05
CA ASP A 86 1.13 6.83 10.32
C ASP A 86 1.48 5.35 10.26
N TYR A 87 2.29 4.99 9.26
CA TYR A 87 2.91 3.67 9.18
C TYR A 87 3.53 3.30 10.52
N SER A 88 3.13 2.15 11.07
CA SER A 88 3.68 1.71 12.33
C SER A 88 5.08 1.12 12.13
N PRO A 89 5.88 1.07 13.19
CA PRO A 89 7.21 0.45 13.04
C PRO A 89 7.13 -0.99 12.57
N GLU A 90 6.18 -1.78 13.09
CA GLU A 90 6.06 -3.17 12.69
C GLU A 90 5.62 -3.31 11.25
N PHE A 91 4.86 -2.34 10.75
CA PHE A 91 4.47 -2.33 9.35
C PHE A 91 5.67 -2.06 8.45
N LEU A 92 6.48 -1.06 8.82
CA LEU A 92 7.66 -0.73 8.01
C LEU A 92 8.59 -1.93 7.90
N LEU A 93 8.78 -2.65 9.00
CA LEU A 93 9.62 -3.84 8.97
C LEU A 93 9.03 -4.90 8.05
N TRP A 94 7.70 -5.01 8.02
CA TRP A 94 7.06 -5.95 7.10
C TRP A 94 7.23 -5.51 5.66
N ALA A 95 6.98 -4.22 5.38
CA ALA A 95 7.08 -3.69 4.02
C ALA A 95 8.51 -3.67 3.51
N LEU A 96 9.49 -3.44 4.38
CA LEU A 96 10.85 -3.17 3.94
C LEU A 96 11.79 -4.37 4.01
N ARG A 97 11.42 -5.46 4.68
CA ARG A 97 12.24 -6.67 4.67
C ARG A 97 11.48 -7.88 4.14
N PRO A 98 10.97 -7.84 2.92
CA PRO A 98 10.46 -9.06 2.31
C PRO A 98 11.63 -9.92 1.84
N PRO A 99 11.37 -11.12 1.36
CA PRO A 99 12.46 -11.98 0.89
C PRO A 99 13.35 -11.29 -0.14
N GLY A 100 14.66 -11.34 0.10
CA GLY A 100 15.64 -10.74 -0.80
C GLY A 100 16.00 -9.30 -0.51
N TRP A 101 15.51 -8.73 0.58
CA TRP A 101 15.83 -7.35 0.93
C TRP A 101 17.33 -7.21 1.14
N LEU A 102 17.83 -6.00 0.86
CA LEU A 102 19.24 -5.72 1.03
C LEU A 102 19.40 -4.48 1.91
N PRO A 103 20.41 -4.46 2.77
CA PRO A 103 20.56 -3.33 3.69
C PRO A 103 20.93 -2.03 2.99
N GLN A 104 21.74 -2.09 1.93
CA GLN A 104 22.09 -0.85 1.23
C GLN A 104 20.89 -0.23 0.53
N TRP A 105 19.78 -0.95 0.41
CA TRP A 105 18.58 -0.44 -0.22
C TRP A 105 17.63 0.22 0.79
N HIS A 106 18.05 0.35 2.04
CA HIS A 106 17.32 1.11 3.05
C HIS A 106 18.14 2.38 3.26
N CYS A 107 17.94 3.35 2.37
CA CYS A 107 18.89 4.42 2.11
C CYS A 107 18.46 5.68 2.87
N GLY A 108 19.11 5.96 4.01
CA GLY A 108 18.83 7.14 4.78
C GLY A 108 19.86 8.24 4.63
N VAL A 109 19.45 9.46 4.99
CA VAL A 109 20.31 10.63 5.07
C VAL A 109 20.20 11.20 6.47
N ARG A 110 21.34 11.60 7.05
CA ARG A 110 21.37 12.18 8.38
C ARG A 110 22.09 13.52 8.36
N VAL A 111 21.73 14.39 9.30
CA VAL A 111 22.52 15.60 9.56
C VAL A 111 23.86 15.17 10.14
N VAL A 112 24.95 15.76 9.64
CA VAL A 112 26.28 15.33 10.05
C VAL A 112 26.50 15.62 11.52
N SER A 113 26.17 16.83 11.97
CA SER A 113 26.51 17.23 13.33
C SER A 113 25.67 16.48 14.37
N SER A 114 24.37 16.36 14.14
CA SER A 114 23.47 15.82 15.15
C SER A 114 23.08 14.37 14.91
N ARG A 115 23.31 13.85 13.70
CA ARG A 115 22.90 12.51 13.28
C ARG A 115 21.38 12.37 13.15
N LYS A 116 20.65 13.48 13.15
CA LYS A 116 19.20 13.42 12.98
C LYS A 116 18.86 12.86 11.60
N LEU A 117 17.94 11.90 11.56
CA LEU A 117 17.49 11.36 10.29
C LEU A 117 16.59 12.37 9.61
N VAL A 118 16.89 12.67 8.34
CA VAL A 118 16.17 13.72 7.62
C VAL A 118 15.78 13.33 6.21
N GLY A 119 16.13 12.13 5.75
CA GLY A 119 15.77 11.71 4.41
C GLY A 119 15.79 10.20 4.32
N PHE A 120 14.95 9.66 3.42
CA PHE A 120 14.88 8.21 3.24
C PHE A 120 14.34 7.90 1.85
N ILE A 121 14.76 6.74 1.33
CA ILE A 121 14.16 6.13 0.14
C ILE A 121 14.47 4.64 0.23
N SER A 122 13.63 3.83 -0.39
CA SER A 122 13.84 2.39 -0.24
C SER A 122 13.62 1.70 -1.58
N ALA A 123 14.26 0.55 -1.72
CA ALA A 123 13.98 -0.36 -2.83
C ALA A 123 13.84 -1.75 -2.26
N ILE A 124 12.91 -2.52 -2.80
CA ILE A 124 12.85 -3.94 -2.45
C ILE A 124 12.78 -4.73 -3.76
N PRO A 125 13.34 -5.93 -3.81
CA PRO A 125 13.28 -6.70 -5.04
C PRO A 125 11.88 -7.23 -5.28
N ALA A 126 11.51 -7.33 -6.55
CA ALA A 126 10.25 -7.94 -6.88
C ALA A 126 10.33 -8.46 -8.30
N ASN A 127 9.80 -9.65 -8.53
N ASN A 127 9.77 -9.64 -8.53
CA ASN A 127 9.62 -10.17 -9.87
CA ASN A 127 9.61 -10.19 -9.87
C ASN A 127 8.32 -9.61 -10.43
C ASN A 127 8.31 -9.65 -10.45
N ILE A 128 8.40 -8.92 -11.55
CA ILE A 128 7.29 -8.15 -12.10
C ILE A 128 6.96 -8.69 -13.48
N HIS A 129 5.69 -9.02 -13.68
N HIS A 129 5.68 -8.94 -13.71
CA HIS A 129 5.20 -9.34 -15.01
CA HIS A 129 5.16 -9.36 -15.00
C HIS A 129 4.63 -8.06 -15.62
C HIS A 129 4.52 -8.16 -15.68
N ILE A 130 5.06 -7.76 -16.83
CA ILE A 130 4.55 -6.61 -17.57
C ILE A 130 4.33 -7.06 -19.00
N TYR A 131 3.06 -7.15 -19.39
CA TYR A 131 2.65 -7.74 -20.67
C TYR A 131 3.38 -9.07 -20.89
N ASP A 132 4.15 -9.19 -21.95
CA ASP A 132 4.74 -10.48 -22.31
C ASP A 132 6.03 -10.80 -21.55
N THR A 133 6.44 -10.00 -20.56
CA THR A 133 7.77 -10.13 -19.96
C THR A 133 7.66 -10.21 -18.45
N GLU A 134 8.35 -11.19 -17.88
N GLU A 134 8.40 -11.16 -17.86
CA GLU A 134 8.61 -11.24 -16.45
CA GLU A 134 8.57 -11.23 -16.41
C GLU A 134 10.06 -10.85 -16.22
C GLU A 134 10.03 -10.97 -16.08
N LYS A 135 10.28 -9.95 -15.27
CA LYS A 135 11.64 -9.47 -15.04
C LYS A 135 11.86 -9.10 -13.59
N LYS A 136 13.05 -9.42 -13.10
CA LYS A 136 13.48 -8.97 -11.78
C LYS A 136 13.62 -7.45 -11.78
N MET A 137 12.81 -6.79 -10.96
CA MET A 137 12.87 -5.35 -10.78
C MET A 137 13.07 -5.05 -9.29
N VAL A 138 13.02 -3.76 -8.96
CA VAL A 138 12.87 -3.29 -7.58
C VAL A 138 11.59 -2.46 -7.52
N GLU A 139 11.04 -2.37 -6.32
CA GLU A 139 9.93 -1.47 -5.99
C GLU A 139 10.48 -0.32 -5.15
N ILE A 140 10.32 0.90 -5.62
CA ILE A 140 10.80 2.09 -4.91
C ILE A 140 9.64 2.63 -4.06
N ASN A 141 9.92 2.94 -2.80
CA ASN A 141 8.87 3.37 -1.88
C ASN A 141 9.47 4.26 -0.80
N PHE A 142 8.58 4.96 -0.09
CA PHE A 142 8.91 5.72 1.13
C PHE A 142 9.94 6.82 0.90
N LEU A 143 9.94 7.45 -0.28
CA LEU A 143 10.73 8.66 -0.48
C LEU A 143 10.21 9.78 0.41
N CYS A 144 11.09 10.37 1.20
CA CYS A 144 10.66 11.31 2.21
C CYS A 144 11.84 12.16 2.63
N VAL A 145 11.64 13.46 2.63
CA VAL A 145 12.60 14.44 3.11
C VAL A 145 11.91 15.25 4.20
N HIS A 146 12.62 15.43 5.32
CA HIS A 146 12.15 16.25 6.42
C HIS A 146 11.67 17.59 5.91
N LYS A 147 10.60 18.11 6.53
CA LYS A 147 10.01 19.34 6.04
C LYS A 147 11.02 20.48 6.00
N LYS A 148 11.93 20.52 6.97
CA LYS A 148 12.89 21.63 7.02
C LYS A 148 13.89 21.61 5.87
N LEU A 149 14.01 20.47 5.18
CA LEU A 149 15.05 20.24 4.19
C LEU A 149 14.53 20.28 2.77
N ARG A 150 13.26 20.62 2.58
CA ARG A 150 12.66 20.54 1.26
C ARG A 150 13.06 21.73 0.41
N SER A 151 12.84 21.59 -0.90
CA SER A 151 13.22 22.57 -1.91
C SER A 151 14.71 22.86 -1.90
N LYS A 152 15.51 21.98 -1.30
CA LYS A 152 16.97 22.09 -1.28
C LYS A 152 17.63 20.95 -2.05
N ARG A 153 16.90 20.34 -3.00
CA ARG A 153 17.45 19.38 -3.96
C ARG A 153 18.12 18.18 -3.28
N VAL A 154 17.47 17.66 -2.24
CA VAL A 154 17.92 16.41 -1.60
C VAL A 154 17.24 15.21 -2.22
N ALA A 155 15.92 15.28 -2.38
CA ALA A 155 15.19 14.21 -3.07
C ALA A 155 15.78 13.81 -4.43
N PRO A 156 16.21 14.74 -5.30
CA PRO A 156 16.91 14.30 -6.53
C PRO A 156 18.11 13.42 -6.26
N VAL A 157 18.88 13.71 -5.22
CA VAL A 157 20.07 12.90 -4.92
C VAL A 157 19.67 11.54 -4.37
N LEU A 158 18.69 11.50 -3.44
CA LEU A 158 18.15 10.24 -2.96
C LEU A 158 17.76 9.34 -4.11
N ILE A 159 17.13 9.90 -5.13
CA ILE A 159 16.69 9.09 -6.26
C ILE A 159 17.88 8.59 -7.06
N ARG A 160 18.84 9.46 -7.34
N ARG A 160 18.82 9.49 -7.35
CA ARG A 160 20.02 9.02 -8.09
CA ARG A 160 20.06 9.13 -8.04
C ARG A 160 20.83 8.00 -7.31
C ARG A 160 20.77 8.00 -7.31
N GLU A 161 20.88 8.12 -5.98
CA GLU A 161 21.69 7.18 -5.21
C GLU A 161 21.03 5.81 -5.13
N ILE A 162 19.71 5.75 -4.95
CA ILE A 162 19.08 4.44 -4.92
C ILE A 162 19.16 3.79 -6.29
N THR A 163 19.05 4.60 -7.34
CA THR A 163 19.25 4.08 -8.70
C THR A 163 20.62 3.44 -8.82
N ARG A 164 21.66 4.13 -8.33
CA ARG A 164 23.02 3.61 -8.40
C ARG A 164 23.14 2.30 -7.61
N ARG A 165 22.59 2.27 -6.39
CA ARG A 165 22.72 1.07 -5.58
C ARG A 165 21.93 -0.10 -6.16
N VAL A 166 20.85 0.18 -6.89
CA VAL A 166 20.14 -0.89 -7.57
C VAL A 166 20.90 -1.36 -8.80
N HIS A 167 21.47 -0.42 -9.57
CA HIS A 167 22.27 -0.80 -10.73
C HIS A 167 23.40 -1.75 -10.34
N LEU A 168 24.05 -1.50 -9.20
CA LEU A 168 25.19 -2.29 -8.78
C LEU A 168 24.81 -3.74 -8.49
N GLU A 169 23.52 -4.01 -8.27
CA GLU A 169 23.03 -5.37 -8.14
C GLU A 169 22.57 -5.96 -9.47
N GLY A 170 22.81 -5.27 -10.58
CA GLY A 170 22.44 -5.81 -11.87
C GLY A 170 20.99 -5.64 -12.25
N ILE A 171 20.23 -4.84 -11.50
CA ILE A 171 18.83 -4.63 -11.78
C ILE A 171 18.66 -3.26 -12.44
N PHE A 172 17.96 -3.23 -13.56
CA PHE A 172 17.92 -2.03 -14.39
C PHE A 172 16.51 -1.52 -14.67
N GLN A 173 15.49 -2.09 -14.01
CA GLN A 173 14.12 -1.60 -14.10
C GLN A 173 13.57 -1.43 -12.69
N ALA A 174 12.59 -0.54 -12.54
CA ALA A 174 11.90 -0.36 -11.27
C ALA A 174 10.43 -0.05 -11.51
N VAL A 175 9.60 -0.39 -10.54
CA VAL A 175 8.20 0.03 -10.54
C VAL A 175 7.98 0.88 -9.31
N TYR A 176 7.19 1.95 -9.48
CA TYR A 176 6.84 2.79 -8.35
C TYR A 176 5.51 3.47 -8.64
N THR A 177 4.93 4.07 -7.61
CA THR A 177 3.71 4.82 -7.73
C THR A 177 3.96 6.20 -7.15
N ALA A 178 3.09 7.14 -7.54
CA ALA A 178 3.16 8.49 -7.02
C ALA A 178 1.86 9.20 -7.35
N GLY A 179 1.56 10.24 -6.59
CA GLY A 179 0.50 11.15 -6.96
C GLY A 179 0.93 12.18 -7.98
N VAL A 180 2.21 12.54 -7.99
CA VAL A 180 2.70 13.49 -8.98
C VAL A 180 2.55 12.91 -10.37
N VAL A 181 2.08 13.74 -11.30
CA VAL A 181 1.94 13.33 -12.69
C VAL A 181 3.30 13.52 -13.37
N LEU A 182 4.02 12.44 -13.58
CA LEU A 182 5.20 12.37 -14.42
C LEU A 182 4.81 11.88 -15.80
N PRO A 183 5.71 11.94 -16.78
CA PRO A 183 5.32 11.55 -18.14
C PRO A 183 5.08 10.05 -18.29
N LYS A 184 4.10 9.72 -19.12
CA LYS A 184 3.75 8.35 -19.49
C LYS A 184 3.67 7.42 -18.29
N PRO A 185 2.71 7.60 -17.39
CA PRO A 185 2.43 6.54 -16.43
C PRO A 185 1.95 5.31 -17.18
N VAL A 186 2.38 4.13 -16.73
N VAL A 186 2.37 4.13 -16.74
CA VAL A 186 1.85 2.92 -17.35
CA VAL A 186 1.84 2.92 -17.36
C VAL A 186 0.36 2.77 -17.02
C VAL A 186 0.36 2.75 -17.02
N GLY A 187 -0.10 3.36 -15.93
CA GLY A 187 -1.50 3.29 -15.56
C GLY A 187 -1.84 4.33 -14.52
N THR A 188 -3.14 4.62 -14.41
CA THR A 188 -3.66 5.63 -13.49
C THR A 188 -4.90 5.07 -12.79
N CYS A 189 -4.81 4.92 -11.48
CA CYS A 189 -5.89 4.43 -10.64
C CYS A 189 -6.40 5.56 -9.75
N ARG A 190 -7.65 5.43 -9.33
CA ARG A 190 -8.25 6.39 -8.40
C ARG A 190 -8.68 5.66 -7.13
N TYR A 191 -8.56 6.36 -6.01
CA TYR A 191 -8.97 5.81 -4.74
C TYR A 191 -10.49 5.85 -4.59
N TRP A 192 -11.03 4.83 -3.93
CA TRP A 192 -12.42 4.76 -3.51
C TRP A 192 -12.44 4.45 -2.02
N HIS A 193 -13.49 4.90 -1.34
CA HIS A 193 -13.55 4.79 0.13
C HIS A 193 -14.91 4.28 0.57
N ARG A 194 -14.91 3.25 1.41
CA ARG A 194 -16.12 2.67 2.00
C ARG A 194 -16.19 3.07 3.46
N SER A 195 -17.16 3.91 3.79
CA SER A 195 -17.32 4.41 5.15
CA SER A 195 -17.30 4.41 5.15
C SER A 195 -17.73 3.28 6.08
N LEU A 196 -16.93 3.03 7.10
CA LEU A 196 -17.29 2.06 8.13
C LEU A 196 -17.79 2.73 9.41
N ASN A 197 -17.16 3.84 9.79
CA ASN A 197 -17.56 4.66 10.93
C ASN A 197 -17.91 6.05 10.41
N PRO A 198 -19.09 6.22 9.79
CA PRO A 198 -19.35 7.47 9.06
C PRO A 198 -19.38 8.71 9.95
N ARG A 199 -19.86 8.61 11.19
CA ARG A 199 -19.92 9.80 12.05
C ARG A 199 -18.53 10.38 12.28
N LYS A 200 -17.58 9.52 12.61
CA LYS A 200 -16.21 9.99 12.82
C LYS A 200 -15.64 10.59 11.54
N LEU A 201 -15.84 9.94 10.40
CA LEU A 201 -15.32 10.46 9.14
C LEU A 201 -15.87 11.84 8.86
N ILE A 202 -17.18 12.03 9.05
CA ILE A 202 -17.77 13.34 8.84
C ILE A 202 -17.23 14.34 9.86
N GLU A 203 -17.06 13.92 11.11
CA GLU A 203 -16.63 14.86 12.14
C GLU A 203 -15.23 15.40 11.87
N VAL A 204 -14.32 14.54 11.38
CA VAL A 204 -12.96 14.98 11.07
C VAL A 204 -12.81 15.45 9.64
N LYS A 205 -13.91 15.51 8.89
CA LYS A 205 -13.96 16.04 7.53
C LYS A 205 -13.16 15.18 6.55
N PHE A 206 -12.99 13.90 6.87
CA PHE A 206 -12.57 12.94 5.86
C PHE A 206 -13.67 12.77 4.83
N SER A 207 -14.93 12.88 5.29
CA SER A 207 -16.14 12.79 4.49
C SER A 207 -17.01 14.01 4.80
N HIS A 208 -18.16 14.10 4.13
CA HIS A 208 -19.14 15.14 4.38
C HIS A 208 -20.53 14.58 4.11
N LEU A 209 -21.53 15.22 4.72
CA LEU A 209 -22.91 14.82 4.49
C LEU A 209 -23.29 15.11 3.05
N SER A 210 -23.91 14.12 2.41
CA SER A 210 -24.46 14.35 1.09
C SER A 210 -25.70 15.25 1.18
N ARG A 211 -26.19 15.67 0.01
CA ARG A 211 -27.34 16.56 -0.05
C ARG A 211 -28.55 15.93 0.67
N ASN A 212 -29.20 16.72 1.51
CA ASN A 212 -30.39 16.34 2.27
C ASN A 212 -30.14 15.18 3.23
N MET A 213 -28.89 14.78 3.42
CA MET A 213 -28.56 13.73 4.36
C MET A 213 -28.26 14.32 5.72
N THR A 214 -28.33 13.47 6.73
CA THR A 214 -28.13 13.84 8.12
C THR A 214 -27.16 12.85 8.74
N MET A 215 -26.65 13.16 9.92
CA MET A 215 -25.70 12.27 10.56
C MET A 215 -26.31 10.89 10.78
N GLN A 216 -27.46 10.83 11.45
CA GLN A 216 -28.06 9.53 11.79
C GLN A 216 -28.47 8.75 10.53
N ARG A 217 -28.98 9.44 9.51
CA ARG A 217 -29.35 8.75 8.28
C ARG A 217 -28.13 8.25 7.52
N THR A 218 -27.00 8.95 7.64
CA THR A 218 -25.77 8.44 7.03
C THR A 218 -25.26 7.22 7.77
N MET A 219 -25.28 7.25 9.12
CA MET A 219 -24.95 6.06 9.90
C MET A 219 -25.81 4.88 9.50
N LYS A 220 -27.10 5.10 9.29
CA LYS A 220 -27.98 4.01 8.90
C LYS A 220 -27.63 3.49 7.50
N LEU A 221 -27.30 4.41 6.59
CA LEU A 221 -27.03 4.02 5.20
C LEU A 221 -25.80 3.12 5.11
N TYR A 222 -24.79 3.37 5.92
CA TYR A 222 -23.54 2.64 5.84
C TYR A 222 -23.48 1.46 6.82
N ARG A 223 -24.58 1.17 7.50
CA ARG A 223 -24.66 0.06 8.43
C ARG A 223 -24.28 -1.26 7.76
N LEU A 224 -23.51 -2.07 8.47
CA LEU A 224 -23.06 -3.35 7.93
C LEU A 224 -23.54 -4.51 8.80
N PRO A 225 -23.64 -5.71 8.25
CA PRO A 225 -23.92 -6.87 9.08
C PRO A 225 -22.82 -7.05 10.10
N GLU A 226 -23.13 -7.76 11.18
CA GLU A 226 -22.15 -7.88 12.25
C GLU A 226 -21.25 -9.10 12.14
N THR A 227 -21.59 -10.07 11.30
CA THR A 227 -20.76 -11.24 11.07
C THR A 227 -20.72 -11.52 9.58
N PRO A 228 -19.59 -12.03 9.05
CA PRO A 228 -19.53 -12.37 7.63
C PRO A 228 -20.53 -13.46 7.29
N LYS A 229 -20.91 -13.51 6.01
CA LYS A 229 -21.93 -14.46 5.61
C LYS A 229 -21.37 -15.67 4.87
N THR A 230 -20.13 -15.63 4.40
CA THR A 230 -19.63 -16.71 3.57
C THR A 230 -19.27 -17.91 4.43
N ALA A 231 -19.89 -19.04 4.13
CA ALA A 231 -19.58 -20.27 4.84
C ALA A 231 -18.13 -20.67 4.58
N GLY A 232 -17.40 -20.97 5.65
CA GLY A 232 -16.03 -21.43 5.51
C GLY A 232 -14.99 -20.35 5.53
N LEU A 233 -15.39 -19.10 5.78
CA LEU A 233 -14.45 -18.00 5.88
C LEU A 233 -13.69 -18.06 7.20
N ARG A 234 -12.37 -17.94 7.13
CA ARG A 234 -11.53 -18.06 8.32
C ARG A 234 -10.20 -17.39 8.02
N PRO A 235 -9.45 -17.00 9.05
CA PRO A 235 -8.12 -16.44 8.81
C PRO A 235 -7.19 -17.46 8.17
N MET A 236 -6.30 -16.97 7.32
CA MET A 236 -5.32 -17.81 6.65
C MET A 236 -4.33 -18.40 7.65
N GLU A 237 -3.95 -19.66 7.42
CA GLU A 237 -3.03 -20.37 8.29
C GLU A 237 -1.81 -20.82 7.49
N THR A 238 -0.83 -21.39 8.20
CA THR A 238 0.38 -21.86 7.52
C THR A 238 0.05 -22.87 6.43
N LYS A 239 -0.81 -23.86 6.76
CA LYS A 239 -1.19 -24.88 5.78
C LYS A 239 -1.75 -24.28 4.50
N ASP A 240 -2.23 -23.04 4.55
CA ASP A 240 -2.85 -22.41 3.39
C ASP A 240 -1.86 -21.80 2.43
N ILE A 241 -0.57 -21.69 2.80
CA ILE A 241 0.38 -20.98 1.96
C ILE A 241 0.40 -21.53 0.53
N PRO A 242 0.55 -22.83 0.30
CA PRO A 242 0.61 -23.29 -1.10
C PRO A 242 -0.65 -22.99 -1.89
N VAL A 243 -1.83 -23.12 -1.30
CA VAL A 243 -3.04 -22.92 -2.09
C VAL A 243 -3.26 -21.44 -2.37
N VAL A 244 -2.94 -20.59 -1.40
CA VAL A 244 -3.00 -19.15 -1.64
C VAL A 244 -2.05 -18.75 -2.77
N HIS A 245 -0.82 -19.29 -2.76
CA HIS A 245 0.13 -19.02 -3.83
C HIS A 245 -0.43 -19.47 -5.18
N GLN A 246 -0.97 -20.68 -5.24
CA GLN A 246 -1.52 -21.19 -6.51
C GLN A 246 -2.73 -20.39 -6.96
N LEU A 247 -3.60 -20.03 -6.02
CA LEU A 247 -4.77 -19.23 -6.37
C LEU A 247 -4.36 -17.86 -6.89
N LEU A 248 -3.43 -17.21 -6.20
CA LEU A 248 -3.00 -15.87 -6.61
C LEU A 248 -2.26 -15.91 -7.94
N THR A 249 -1.43 -16.93 -8.16
CA THR A 249 -0.64 -16.97 -9.40
C THR A 249 -1.54 -17.13 -10.61
N ARG A 250 -2.52 -18.04 -10.54
N ARG A 250 -2.52 -18.05 -10.54
CA ARG A 250 -3.45 -18.21 -11.66
CA ARG A 250 -3.47 -18.23 -11.62
C ARG A 250 -4.37 -17.02 -11.83
C ARG A 250 -4.32 -16.98 -11.83
N TYR A 251 -4.79 -16.38 -10.73
CA TYR A 251 -5.71 -15.25 -10.84
C TYR A 251 -5.03 -14.02 -11.43
N LEU A 252 -3.76 -13.78 -11.12
CA LEU A 252 -3.11 -12.58 -11.60
C LEU A 252 -2.83 -12.60 -13.09
N LYS A 253 -2.87 -13.78 -13.72
CA LYS A 253 -2.43 -13.91 -15.11
C LYS A 253 -3.24 -13.04 -16.08
N GLN A 254 -4.47 -12.66 -15.70
CA GLN A 254 -5.35 -11.92 -16.59
C GLN A 254 -5.06 -10.42 -16.65
N PHE A 255 -4.21 -9.91 -15.76
CA PHE A 255 -3.84 -8.50 -15.76
C PHE A 255 -2.49 -8.31 -16.46
N HIS A 256 -2.13 -7.06 -16.74
CA HIS A 256 -0.94 -6.77 -17.52
C HIS A 256 0.26 -6.31 -16.69
N LEU A 257 0.04 -5.92 -15.43
CA LEU A 257 1.12 -5.51 -14.54
C LEU A 257 0.85 -6.17 -13.19
N THR A 258 1.63 -7.19 -12.84
CA THR A 258 1.35 -7.97 -11.65
C THR A 258 2.67 -8.35 -10.99
N PRO A 259 2.64 -8.67 -9.70
CA PRO A 259 3.77 -9.35 -9.08
C PRO A 259 3.79 -10.83 -9.49
N VAL A 260 4.99 -11.40 -9.44
CA VAL A 260 5.17 -12.85 -9.56
C VAL A 260 5.86 -13.27 -8.27
N MET A 261 5.15 -14.04 -7.45
CA MET A 261 5.58 -14.29 -6.09
C MET A 261 5.96 -15.75 -5.91
N SER A 262 7.09 -15.98 -5.26
CA SER A 262 7.39 -17.31 -4.77
C SER A 262 6.48 -17.65 -3.60
N GLN A 263 6.49 -18.92 -3.20
CA GLN A 263 5.72 -19.30 -2.02
C GLN A 263 6.24 -18.63 -0.77
N GLU A 264 7.55 -18.36 -0.72
CA GLU A 264 8.10 -17.64 0.42
C GLU A 264 7.64 -16.19 0.43
N GLU A 265 7.43 -15.60 -0.74
CA GLU A 265 6.92 -14.23 -0.78
C GLU A 265 5.45 -14.19 -0.42
N VAL A 266 4.68 -15.18 -0.87
CA VAL A 266 3.29 -15.32 -0.44
C VAL A 266 3.20 -15.41 1.07
N GLU A 267 4.00 -16.28 1.68
CA GLU A 267 4.01 -16.35 3.14
C GLU A 267 4.29 -14.99 3.76
N HIS A 268 5.30 -14.28 3.25
CA HIS A 268 5.63 -12.97 3.82
C HIS A 268 4.50 -11.97 3.67
N TRP A 269 3.94 -11.85 2.47
CA TRP A 269 3.01 -10.77 2.20
C TRP A 269 1.62 -11.03 2.76
N PHE A 270 1.24 -12.29 2.96
CA PHE A 270 -0.14 -12.63 3.30
C PHE A 270 -0.33 -13.28 4.66
N TYR A 271 0.68 -13.90 5.24
CA TYR A 271 0.45 -14.57 6.52
C TYR A 271 0.00 -13.53 7.54
N PRO A 272 -1.15 -13.72 8.21
CA PRO A 272 -1.71 -12.64 9.04
C PRO A 272 -0.76 -12.22 10.15
N GLN A 273 -0.69 -10.91 10.36
CA GLN A 273 0.03 -10.30 11.47
C GLN A 273 -0.87 -9.20 12.00
N GLU A 274 -1.21 -9.25 13.28
CA GLU A 274 -2.21 -8.32 13.80
CA GLU A 274 -2.20 -8.32 13.82
C GLU A 274 -1.74 -6.88 13.63
N ASN A 275 -2.65 -6.03 13.16
CA ASN A 275 -2.41 -4.60 12.94
C ASN A 275 -1.43 -4.33 11.80
N ILE A 276 -1.23 -5.31 10.92
CA ILE A 276 -0.37 -5.10 9.76
C ILE A 276 -1.08 -5.63 8.53
N ILE A 277 -1.33 -6.95 8.52
CA ILE A 277 -1.86 -7.62 7.34
C ILE A 277 -2.90 -8.64 7.77
N ASP A 278 -4.04 -8.61 7.11
CA ASP A 278 -5.13 -9.55 7.38
C ASP A 278 -5.44 -10.29 6.10
N THR A 279 -5.58 -11.60 6.21
CA THR A 279 -5.89 -12.46 5.08
C THR A 279 -6.89 -13.49 5.58
N PHE A 280 -7.98 -13.66 4.85
CA PHE A 280 -9.01 -14.63 5.22
C PHE A 280 -9.24 -15.51 4.01
N VAL A 281 -9.26 -16.81 4.24
CA VAL A 281 -9.49 -17.75 3.16
C VAL A 281 -10.92 -18.29 3.28
N VAL A 282 -11.44 -18.77 2.16
CA VAL A 282 -12.72 -19.47 2.10
C VAL A 282 -12.46 -20.93 1.87
N GLU A 283 -12.81 -21.75 2.85
CA GLU A 283 -12.60 -23.19 2.79
C GLU A 283 -13.93 -23.86 2.48
N ASN A 284 -14.01 -24.60 1.37
CA ASN A 284 -15.30 -25.12 0.98
C ASN A 284 -15.68 -26.33 1.85
N ALA A 285 -16.82 -26.94 1.54
CA ALA A 285 -17.32 -27.97 2.44
C ALA A 285 -16.47 -29.24 2.38
N ASN A 286 -15.60 -29.38 1.38
CA ASN A 286 -14.65 -30.49 1.33
C ASN A 286 -13.28 -30.11 1.88
N GLY A 287 -13.14 -28.93 2.48
CA GLY A 287 -11.90 -28.59 3.15
C GLY A 287 -10.84 -27.96 2.27
N GLU A 288 -11.21 -27.47 1.09
CA GLU A 288 -10.25 -26.90 0.14
C GLU A 288 -10.48 -25.40 -0.01
N VAL A 289 -9.39 -24.64 0.07
CA VAL A 289 -9.49 -23.19 -0.04
C VAL A 289 -9.75 -22.82 -1.50
N THR A 290 -10.83 -22.05 -1.74
CA THR A 290 -11.24 -21.65 -3.07
C THR A 290 -11.10 -20.17 -3.34
N ASP A 291 -11.05 -19.33 -2.30
CA ASP A 291 -11.00 -17.89 -2.45
C ASP A 291 -10.22 -17.32 -1.28
N PHE A 292 -9.77 -16.07 -1.41
CA PHE A 292 -9.27 -15.37 -0.24
C PHE A 292 -9.36 -13.87 -0.46
N LEU A 293 -9.32 -13.14 0.64
CA LEU A 293 -9.33 -11.68 0.65
C LEU A 293 -8.23 -11.21 1.58
N SER A 294 -7.68 -10.02 1.31
CA SER A 294 -6.67 -9.49 2.21
C SER A 294 -6.73 -7.97 2.25
N PHE A 295 -6.35 -7.40 3.39
CA PHE A 295 -6.29 -5.95 3.53
C PHE A 295 -5.24 -5.63 4.59
N TYR A 296 -4.53 -4.51 4.41
CA TYR A 296 -3.51 -4.16 5.38
C TYR A 296 -3.89 -2.88 6.13
N THR A 297 -3.21 -2.69 7.26
CA THR A 297 -3.57 -1.65 8.23
C THR A 297 -2.66 -0.44 8.06
N LEU A 298 -3.25 0.70 7.71
CA LEU A 298 -2.49 1.95 7.52
C LEU A 298 -3.29 3.12 8.06
N PRO A 299 -3.13 3.46 9.33
CA PRO A 299 -3.85 4.60 9.91
C PRO A 299 -3.19 5.91 9.52
N SER A 300 -3.91 7.00 9.77
CA SER A 300 -3.44 8.35 9.48
C SER A 300 -3.64 9.24 10.70
N THR A 301 -2.61 10.00 11.02
CA THR A 301 -2.75 11.03 12.04
C THR A 301 -3.79 12.05 11.60
N ILE A 302 -4.64 12.45 12.53
CA ILE A 302 -5.56 13.56 12.35
C ILE A 302 -4.95 14.75 13.06
N MET A 303 -4.56 15.77 12.30
CA MET A 303 -3.75 16.84 12.88
C MET A 303 -4.57 17.78 13.76
N ASN A 304 -5.75 18.21 13.30
CA ASN A 304 -6.50 19.29 13.95
C ASN A 304 -7.94 18.86 14.23
N HIS A 305 -8.13 18.01 15.23
CA HIS A 305 -9.46 17.73 15.75
C HIS A 305 -9.39 17.64 17.26
N PRO A 306 -10.29 18.30 17.98
CA PRO A 306 -10.20 18.33 19.45
C PRO A 306 -10.23 16.96 20.10
N THR A 307 -10.90 15.97 19.51
CA THR A 307 -11.05 14.69 20.20
C THR A 307 -10.51 13.50 19.42
N HIS A 308 -10.66 13.46 18.09
CA HIS A 308 -10.19 12.34 17.28
C HIS A 308 -8.73 12.56 16.91
N LYS A 309 -7.86 11.62 17.29
CA LYS A 309 -6.44 11.75 17.01
C LYS A 309 -5.94 10.86 15.89
N SER A 310 -6.64 9.78 15.55
CA SER A 310 -6.17 8.86 14.54
C SER A 310 -7.33 8.36 13.71
N LEU A 311 -7.06 8.16 12.43
CA LEU A 311 -8.02 7.60 11.49
C LEU A 311 -7.55 6.20 11.10
N LYS A 312 -8.32 5.18 11.46
CA LYS A 312 -7.89 3.80 11.19
C LYS A 312 -8.44 3.37 9.83
N ALA A 313 -7.55 3.14 8.87
CA ALA A 313 -7.96 2.78 7.51
C ALA A 313 -7.45 1.39 7.15
N ALA A 314 -8.27 0.64 6.43
CA ALA A 314 -7.95 -0.66 5.87
C ALA A 314 -7.81 -0.49 4.36
N TYR A 315 -6.78 -1.14 3.79
CA TYR A 315 -6.46 -1.00 2.38
C TYR A 315 -6.59 -2.35 1.71
N SER A 316 -7.51 -2.44 0.76
CA SER A 316 -7.69 -3.64 -0.04
C SER A 316 -6.36 -4.07 -0.67
N PHE A 317 -5.95 -5.29 -0.39
CA PHE A 317 -4.67 -5.78 -0.88
C PHE A 317 -4.91 -6.61 -2.14
N TYR A 318 -4.86 -7.92 -2.03
CA TYR A 318 -5.20 -8.82 -3.12
C TYR A 318 -6.40 -9.67 -2.72
N ASN A 319 -7.35 -9.80 -3.62
CA ASN A 319 -8.57 -10.57 -3.40
C ASN A 319 -8.78 -11.52 -4.56
N VAL A 320 -8.91 -12.81 -4.27
CA VAL A 320 -9.00 -13.83 -5.30
C VAL A 320 -10.30 -14.60 -5.09
N HIS A 321 -11.06 -14.77 -6.17
CA HIS A 321 -12.31 -15.49 -6.16
C HIS A 321 -12.29 -16.52 -7.28
N THR A 322 -12.68 -17.74 -6.95
CA THR A 322 -12.96 -18.77 -7.94
C THR A 322 -14.29 -19.49 -7.70
N GLN A 323 -14.84 -19.41 -6.49
CA GLN A 323 -16.13 -20.02 -6.16
C GLN A 323 -17.06 -19.09 -5.41
N THR A 324 -16.56 -18.14 -4.64
CA THR A 324 -17.35 -17.10 -3.99
C THR A 324 -17.41 -15.88 -4.87
N PRO A 325 -18.60 -15.34 -5.15
CA PRO A 325 -18.66 -14.10 -5.92
C PRO A 325 -17.78 -13.05 -5.26
N LEU A 326 -17.12 -12.24 -6.09
CA LEU A 326 -16.26 -11.20 -5.55
C LEU A 326 -17.05 -10.21 -4.71
N LEU A 327 -18.27 -9.88 -5.16
CA LEU A 327 -19.17 -9.03 -4.38
C LEU A 327 -19.35 -9.61 -2.98
N ASP A 328 -19.66 -10.90 -2.88
CA ASP A 328 -19.82 -11.52 -1.56
C ASP A 328 -18.52 -11.46 -0.76
N LEU A 329 -17.38 -11.72 -1.42
CA LEU A 329 -16.08 -11.67 -0.76
C LEU A 329 -15.81 -10.31 -0.15
N MET A 330 -16.00 -9.24 -0.93
CA MET A 330 -15.69 -7.90 -0.43
C MET A 330 -16.70 -7.42 0.61
N SER A 331 -17.97 -7.79 0.48
CA SER A 331 -18.94 -7.50 1.54
CA SER A 331 -18.94 -7.50 1.54
C SER A 331 -18.46 -8.06 2.88
N ASP A 332 -17.92 -9.28 2.88
CA ASP A 332 -17.36 -9.85 4.10
C ASP A 332 -16.06 -9.16 4.52
N ALA A 333 -15.25 -8.69 3.56
CA ALA A 333 -14.10 -7.86 3.91
C ALA A 333 -14.52 -6.62 4.68
N LEU A 334 -15.57 -5.94 4.22
CA LEU A 334 -16.05 -4.75 4.93
C LEU A 334 -16.49 -5.10 6.34
N VAL A 335 -17.21 -6.21 6.50
CA VAL A 335 -17.69 -6.65 7.82
C VAL A 335 -16.51 -6.92 8.75
N LEU A 336 -15.49 -7.64 8.26
CA LEU A 336 -14.33 -7.96 9.10
C LEU A 336 -13.56 -6.71 9.49
N ALA A 337 -13.39 -5.78 8.54
CA ALA A 337 -12.73 -4.52 8.88
C ALA A 337 -13.53 -3.72 9.90
N LYS A 338 -14.85 -3.64 9.71
CA LYS A 338 -15.70 -2.98 10.71
C LYS A 338 -15.52 -3.62 12.08
N MET A 339 -15.54 -4.97 12.14
CA MET A 339 -15.37 -5.68 13.40
C MET A 339 -14.04 -5.35 14.07
N LYS A 340 -13.00 -5.11 13.27
CA LYS A 340 -11.68 -4.84 13.79
C LYS A 340 -11.46 -3.36 14.11
N GLY A 341 -12.52 -2.57 14.06
CA GLY A 341 -12.45 -1.18 14.48
C GLY A 341 -11.90 -0.22 13.46
N PHE A 342 -11.87 -0.60 12.18
CA PHE A 342 -11.46 0.33 11.15
C PHE A 342 -12.55 1.36 10.90
N ASP A 343 -12.14 2.59 10.59
CA ASP A 343 -13.07 3.68 10.32
C ASP A 343 -13.44 3.77 8.85
N VAL A 344 -12.55 3.33 7.96
CA VAL A 344 -12.81 3.40 6.53
C VAL A 344 -12.08 2.23 5.88
N PHE A 345 -12.67 1.73 4.79
CA PHE A 345 -12.07 0.69 3.96
C PHE A 345 -11.70 1.34 2.62
N ASN A 346 -10.41 1.32 2.28
CA ASN A 346 -9.91 1.97 1.07
C ASN A 346 -9.63 0.95 -0.02
N ALA A 347 -9.95 1.31 -1.26
CA ALA A 347 -9.63 0.46 -2.39
C ALA A 347 -9.38 1.31 -3.64
N LEU A 348 -8.54 0.81 -4.52
CA LEU A 348 -8.32 1.36 -5.85
C LEU A 348 -9.29 0.72 -6.84
N ASP A 349 -9.44 1.37 -7.98
CA ASP A 349 -10.31 0.89 -9.05
C ASP A 349 -9.61 -0.09 -9.97
N LEU A 350 -8.55 -0.73 -9.50
CA LEU A 350 -7.76 -1.64 -10.33
C LEU A 350 -8.30 -3.06 -10.24
N MET A 351 -7.64 -3.98 -10.96
CA MET A 351 -8.12 -5.34 -11.17
C MET A 351 -9.62 -5.33 -11.48
N GLU A 352 -10.40 -6.21 -10.83
CA GLU A 352 -11.84 -6.26 -11.06
C GLU A 352 -12.64 -5.42 -10.07
N ASN A 353 -11.99 -4.46 -9.41
CA ASN A 353 -12.64 -3.77 -8.30
C ASN A 353 -13.86 -2.98 -8.76
N LYS A 354 -13.83 -2.44 -9.99
CA LYS A 354 -14.96 -1.64 -10.44
C LYS A 354 -16.26 -2.44 -10.45
N THR A 355 -16.17 -3.77 -10.45
CA THR A 355 -17.36 -4.62 -10.44
C THR A 355 -18.09 -4.62 -9.10
N PHE A 356 -17.49 -4.09 -8.02
CA PHE A 356 -18.15 -4.07 -6.73
C PHE A 356 -18.11 -2.73 -6.00
N LEU A 357 -17.27 -1.78 -6.44
CA LEU A 357 -17.09 -0.53 -5.70
C LEU A 357 -18.41 0.18 -5.42
N GLU A 358 -19.20 0.47 -6.46
CA GLU A 358 -20.43 1.23 -6.23
C GLU A 358 -21.51 0.38 -5.55
N LYS A 359 -21.65 -0.89 -5.94
CA LYS A 359 -22.65 -1.75 -5.32
C LYS A 359 -22.45 -1.87 -3.82
N LEU A 360 -21.21 -1.75 -3.36
CA LEU A 360 -20.92 -1.85 -1.93
C LEU A 360 -20.82 -0.49 -1.26
N LYS A 361 -21.21 0.57 -1.96
CA LYS A 361 -21.32 1.92 -1.39
C LYS A 361 -19.95 2.55 -1.11
N PHE A 362 -18.91 2.14 -1.86
CA PHE A 362 -17.70 2.94 -1.92
C PHE A 362 -18.00 4.29 -2.55
N GLY A 363 -17.38 5.35 -2.03
CA GLY A 363 -17.42 6.67 -2.65
C GLY A 363 -16.06 6.97 -3.25
N ILE A 364 -16.05 7.53 -4.47
CA ILE A 364 -14.77 7.84 -5.09
C ILE A 364 -14.06 8.92 -4.27
N GLY A 365 -12.73 8.79 -4.17
CA GLY A 365 -11.93 9.75 -3.44
C GLY A 365 -11.38 10.86 -4.33
N ASP A 366 -10.73 11.83 -3.71
CA ASP A 366 -10.08 12.90 -4.46
C ASP A 366 -8.66 12.54 -4.91
N GLY A 367 -8.18 11.34 -4.60
CA GLY A 367 -6.81 10.96 -4.87
C GLY A 367 -6.66 10.13 -6.14
N ASN A 368 -5.60 10.41 -6.89
CA ASN A 368 -5.25 9.70 -8.11
C ASN A 368 -3.87 9.09 -7.94
N LEU A 369 -3.71 7.83 -8.33
CA LEU A 369 -2.44 7.12 -8.18
C LEU A 369 -1.91 6.69 -9.54
N GLN A 370 -0.74 7.19 -9.91
CA GLN A 370 -0.07 6.82 -11.15
C GLN A 370 0.95 5.72 -10.91
N TYR A 371 0.97 4.74 -11.80
CA TYR A 371 1.97 3.69 -11.77
C TYR A 371 3.03 3.98 -12.82
N TYR A 372 4.30 3.86 -12.45
CA TYR A 372 5.40 4.15 -13.34
C TYR A 372 6.34 2.96 -13.40
N LEU A 373 6.91 2.71 -14.58
CA LEU A 373 8.00 1.76 -14.76
C LEU A 373 9.24 2.53 -15.19
N TYR A 374 10.35 2.32 -14.49
CA TYR A 374 11.61 2.96 -14.86
C TYR A 374 12.32 2.13 -15.92
N ASN A 375 12.81 2.79 -16.96
CA ASN A 375 13.60 2.17 -18.04
C ASN A 375 12.90 0.96 -18.63
N TRP A 376 11.61 1.14 -18.93
CA TRP A 376 10.83 0.08 -19.59
C TRP A 376 9.66 0.77 -20.29
N LYS A 377 9.76 0.94 -21.61
CA LYS A 377 8.67 1.49 -22.40
C LYS A 377 7.69 0.38 -22.79
N CYS A 378 6.41 0.70 -22.72
CA CYS A 378 5.32 -0.23 -22.99
C CYS A 378 4.02 0.58 -23.05
N PRO A 379 2.97 0.05 -23.65
CA PRO A 379 1.73 0.83 -23.76
C PRO A 379 1.08 1.02 -22.41
N SER A 380 0.38 2.15 -22.26
CA SER A 380 -0.41 2.37 -21.07
C SER A 380 -1.58 1.39 -21.02
N MET A 381 -2.16 1.25 -19.83
CA MET A 381 -3.25 0.32 -19.65
C MET A 381 -4.30 0.96 -18.73
N GLY A 382 -5.55 0.53 -18.90
CA GLY A 382 -6.59 0.95 -17.98
C GLY A 382 -6.38 0.38 -16.59
N ALA A 383 -7.00 1.04 -15.60
CA ALA A 383 -6.88 0.59 -14.22
C ALA A 383 -7.24 -0.88 -14.05
N GLU A 384 -8.19 -1.37 -14.84
CA GLU A 384 -8.65 -2.73 -14.62
C GLU A 384 -7.65 -3.78 -15.11
N LYS A 385 -6.60 -3.37 -15.81
CA LYS A 385 -5.52 -4.28 -16.17
C LYS A 385 -4.31 -4.14 -15.26
N VAL A 386 -4.34 -3.22 -14.32
CA VAL A 386 -3.30 -3.11 -13.30
C VAL A 386 -3.59 -4.13 -12.20
N GLY A 387 -2.60 -4.97 -11.91
CA GLY A 387 -2.78 -6.04 -10.95
C GLY A 387 -1.70 -6.07 -9.89
N LEU A 388 -1.27 -4.88 -9.47
CA LEU A 388 -0.16 -4.73 -8.54
C LEU A 388 -0.52 -3.69 -7.49
N VAL A 389 -0.39 -4.07 -6.22
CA VAL A 389 -0.66 -3.20 -5.08
C VAL A 389 0.62 -3.10 -4.25
N LEU A 390 1.13 -1.89 -4.08
CA LEU A 390 2.25 -1.62 -3.20
C LEU A 390 1.75 -1.23 -1.81
N GLN A 391 2.69 -1.16 -0.86
CA GLN A 391 2.36 -0.72 0.51
C GLN A 391 2.48 0.78 0.66
N GLY B 1 -1.19 4.07 -0.70
CA GLY B 1 -0.01 4.23 0.12
C GLY B 1 0.79 5.46 -0.22
N LYS B 2 0.78 5.83 -1.51
CA LYS B 2 1.49 7.04 -1.92
C LYS B 2 0.64 8.29 -1.90
N VAL B 3 -0.68 8.15 -1.90
CA VAL B 3 -1.59 9.29 -1.89
C VAL B 3 -2.54 9.14 -0.73
N LEU B 4 -2.65 10.18 0.10
CA LEU B 4 -3.64 10.20 1.18
C LEU B 4 -4.89 10.84 0.59
N SER B 5 -5.76 9.98 0.06
CA SER B 5 -7.03 10.38 -0.53
C SER B 5 -8.08 10.48 0.55
N LYS B 6 -9.06 11.35 0.33
CA LYS B 6 -10.28 11.33 1.13
C LYS B 6 -11.46 11.39 0.17
N ILE B 7 -12.67 11.31 0.72
CA ILE B 7 -13.88 11.20 -0.09
C ILE B 7 -14.08 12.47 -0.91
N PHE B 8 -14.44 12.29 -2.16
CA PHE B 8 -14.54 13.41 -3.10
C PHE B 8 -15.91 14.05 -2.98
#